data_5IKF
#
_entry.id   5IKF
#
_cell.length_a   105.680
_cell.length_b   52.850
_cell.length_c   81.970
_cell.angle_alpha   90.00
_cell.angle_beta   115.63
_cell.angle_gamma   90.00
#
_symmetry.space_group_name_H-M   'C 1 2 1'
#
loop_
_entity.id
_entity.type
_entity.pdbx_description
1 polymer 'Chromatin remodeling factor mit1'
2 polymer 'Cryptic loci regulator protein 1'
3 non-polymer 'ZINC ION'
4 non-polymer 'CHLORIDE ION'
5 water water
#
loop_
_entity_poly.entity_id
_entity_poly.type
_entity_poly.pdbx_seq_one_letter_code
_entity_poly.pdbx_strand_id
1 'polypeptide(L)'
;YDNSDDTDYTVNDRSSPGSPFPIETETISSITDTLSDKQKLKYDSSVNIENLNDESDSQKSADVHFDSILAKSLLATTPK
EDEFNKTLSTINLEVANKLTSSEYINDSEMQLIDDPVFYPPYEIIEKNHQLVGRSLSKAVLDNFFLLSSLSDNVRCRCCG
IKHLPAHCPLSIVPLEICFLCGTPHFSGRDTCPMLRNKEAIYRLKDSLSKSREPFHIKKQAMARLNSFLQKKEEPTVSSS
AKTNELSSKVIIKESIINEAKT
;
A
2 'polypeptide(L)'
;MASMTGGQQMGPFLTPDNIASSILYSTASFSRSKPDRPRLNLSLELKLMQNELNKGQLKKQFKGDLRNLADWNNLSLVSS
KFPSLPITNLRPDGSFLKHRRFNEEIAYNRQTLEKAIKQLDLSPDKVIQLREQNGVAVNGRVCYPTRNKHSEISA
;
B
#
loop_
_chem_comp.id
_chem_comp.type
_chem_comp.name
_chem_comp.formula
CL non-polymer 'CHLORIDE ION' 'Cl -1'
ZN non-polymer 'ZINC ION' 'Zn 2'
#
# COMPACT_ATOMS: atom_id res chain seq x y z
N PHE A 66 -27.70 13.39 -14.29
CA PHE A 66 -26.73 13.75 -13.26
C PHE A 66 -26.23 12.52 -12.52
N ASP A 67 -24.90 12.41 -12.39
CA ASP A 67 -24.26 11.24 -11.77
C ASP A 67 -24.04 11.55 -10.29
N SER A 68 -24.98 11.11 -9.45
CA SER A 68 -24.90 11.42 -8.03
C SER A 68 -23.69 10.77 -7.38
N ILE A 69 -23.38 9.53 -7.74
CA ILE A 69 -22.29 8.81 -7.09
C ILE A 69 -20.95 9.40 -7.52
N LEU A 70 -20.78 9.65 -8.82
CA LEU A 70 -19.53 10.25 -9.29
C LEU A 70 -19.30 11.61 -8.65
N ALA A 71 -20.37 12.32 -8.32
CA ALA A 71 -20.23 13.63 -7.69
C ALA A 71 -19.48 13.52 -6.36
N LYS A 72 -19.74 12.44 -5.60
CA LYS A 72 -19.06 12.25 -4.32
C LYS A 72 -17.55 12.31 -4.49
N SER A 73 -17.02 11.71 -5.56
CA SER A 73 -15.58 11.69 -5.77
C SER A 73 -15.05 13.05 -6.19
N LEU A 74 -15.87 13.85 -6.88
CA LEU A 74 -15.42 15.17 -7.31
C LEU A 74 -15.41 16.17 -6.17
N LEU A 75 -16.24 15.96 -5.15
CA LEU A 75 -16.29 16.82 -3.98
C LEU A 75 -15.43 16.30 -2.83
N ALA A 76 -14.84 15.11 -2.98
CA ALA A 76 -14.14 14.48 -1.88
C ALA A 76 -12.71 15.00 -1.77
N THR A 77 -12.21 15.02 -0.54
CA THR A 77 -10.83 15.40 -0.25
C THR A 77 -10.22 14.35 0.68
N THR A 78 -8.97 13.98 0.40
CA THR A 78 -8.29 12.98 1.21
C THR A 78 -8.37 13.34 2.69
N PRO A 79 -8.36 12.36 3.58
CA PRO A 79 -8.43 12.68 5.01
C PRO A 79 -7.19 13.40 5.50
N LYS A 80 -7.32 14.03 6.66
CA LYS A 80 -6.22 14.72 7.28
C LYS A 80 -5.53 13.80 8.29
N GLU A 81 -4.55 14.33 9.01
CA GLU A 81 -3.79 13.52 9.95
C GLU A 81 -4.64 13.04 11.12
N ASP A 82 -5.76 13.70 11.39
CA ASP A 82 -6.65 13.33 12.49
C ASP A 82 -7.83 12.48 12.05
N GLU A 83 -7.96 12.20 10.75
CA GLU A 83 -9.05 11.39 10.22
C GLU A 83 -8.49 10.19 9.48
N PHE A 84 -9.17 9.04 9.62
CA PHE A 84 -8.80 7.83 8.89
C PHE A 84 -7.34 7.49 9.14
N ASN A 85 -6.92 7.62 10.40
CA ASN A 85 -5.51 7.56 10.79
C ASN A 85 -5.16 6.15 11.27
N LYS A 86 -3.96 6.03 11.85
CA LYS A 86 -3.50 4.74 12.36
C LYS A 86 -4.42 4.20 13.45
N THR A 87 -5.22 5.06 14.09
CA THR A 87 -6.17 4.59 15.09
C THR A 87 -7.16 3.60 14.48
N LEU A 88 -7.66 3.91 13.27
CA LEU A 88 -8.58 3.00 12.61
C LEU A 88 -7.87 1.75 12.11
N SER A 89 -6.60 1.86 11.75
CA SER A 89 -5.83 0.69 11.36
C SER A 89 -5.75 -0.30 12.52
N THR A 90 -5.47 0.20 13.72
CA THR A 90 -5.42 -0.66 14.89
C THR A 90 -6.79 -1.27 15.18
N ILE A 91 -7.84 -0.46 15.10
CA ILE A 91 -9.18 -0.94 15.42
C ILE A 91 -9.63 -2.01 14.44
N ASN A 92 -9.56 -1.71 13.14
CA ASN A 92 -10.03 -2.66 12.14
C ASN A 92 -9.19 -3.95 12.15
N LEU A 93 -7.91 -3.86 12.49
CA LEU A 93 -7.08 -5.05 12.55
C LEU A 93 -7.62 -6.04 13.57
N GLU A 94 -7.90 -5.56 14.78
CA GLU A 94 -8.36 -6.45 15.83
C GLU A 94 -9.80 -6.91 15.58
N VAL A 95 -10.63 -6.04 15.01
CA VAL A 95 -11.96 -6.46 14.57
C VAL A 95 -11.83 -7.57 13.53
N ALA A 96 -11.08 -7.31 12.46
CA ALA A 96 -10.90 -8.32 11.42
C ALA A 96 -10.33 -9.62 11.99
N ASN A 97 -9.52 -9.52 13.05
CA ASN A 97 -8.93 -10.73 13.62
C ASN A 97 -9.98 -11.57 14.35
N LYS A 98 -10.93 -10.90 15.01
CA LYS A 98 -12.00 -11.62 15.72
C LYS A 98 -13.05 -12.18 14.77
N LEU A 99 -13.17 -11.64 13.56
CA LEU A 99 -14.13 -12.15 12.59
C LEU A 99 -13.70 -13.48 11.99
N THR A 100 -12.46 -13.91 12.22
CA THR A 100 -11.95 -15.16 11.67
C THR A 100 -12.05 -16.28 12.70
N LEU A 112 -1.44 -11.27 17.63
CA LEU A 112 -0.86 -10.16 16.87
C LEU A 112 0.12 -9.38 17.74
N ILE A 113 1.27 -9.04 17.16
CA ILE A 113 2.33 -8.33 17.87
C ILE A 113 2.35 -6.90 17.34
N ASP A 114 1.68 -5.99 18.04
CA ASP A 114 1.64 -4.59 17.62
C ASP A 114 2.94 -3.89 18.02
N ASP A 115 3.49 -3.12 17.09
CA ASP A 115 4.71 -2.36 17.33
C ASP A 115 4.43 -0.87 17.27
N PRO A 116 5.25 -0.04 17.94
CA PRO A 116 5.11 1.42 17.84
C PRO A 116 6.09 2.05 16.87
N PRO A 120 11.99 4.62 11.45
CA PRO A 120 12.31 4.63 10.02
C PRO A 120 13.16 5.84 9.62
N PRO A 121 14.45 5.64 9.32
CA PRO A 121 15.31 6.79 9.01
C PRO A 121 15.21 7.24 7.55
N TYR A 122 13.99 7.29 7.02
CA TYR A 122 13.76 7.83 5.69
C TYR A 122 12.29 8.24 5.59
N GLU A 123 11.98 9.02 4.56
CA GLU A 123 10.63 9.52 4.39
C GLU A 123 9.70 8.41 3.93
N ILE A 124 8.55 8.30 4.58
CA ILE A 124 7.51 7.35 4.21
C ILE A 124 6.25 8.13 3.85
N ILE A 125 5.64 7.77 2.73
CA ILE A 125 4.43 8.48 2.28
C ILE A 125 3.30 8.26 3.28
N GLU A 126 2.96 7.00 3.53
CA GLU A 126 1.80 6.65 4.34
C GLU A 126 2.23 6.34 5.77
N LYS A 127 1.61 7.03 6.73
CA LYS A 127 1.98 6.92 8.14
C LYS A 127 0.86 6.31 8.99
N ASN A 128 -0.23 5.87 8.37
CA ASN A 128 -1.38 5.33 9.09
C ASN A 128 -1.44 3.81 9.05
N HIS A 129 -0.31 3.14 8.90
CA HIS A 129 -0.25 1.69 8.83
C HIS A 129 0.11 1.14 10.21
N GLN A 130 -0.76 0.31 10.77
CA GLN A 130 -0.44 -0.41 12.00
C GLN A 130 0.54 -1.53 11.68
N LEU A 131 1.72 -1.47 12.28
CA LEU A 131 2.77 -2.45 12.01
C LEU A 131 2.66 -3.63 12.96
N VAL A 132 2.88 -4.83 12.43
CA VAL A 132 2.72 -6.07 13.18
C VAL A 132 3.97 -6.92 13.01
N GLY A 133 4.17 -7.83 13.96
CA GLY A 133 5.29 -8.75 13.94
C GLY A 133 4.95 -10.17 13.56
N ARG A 134 3.74 -10.42 13.05
CA ARG A 134 3.33 -11.75 12.62
C ARG A 134 2.70 -11.66 11.24
N SER A 135 2.51 -12.82 10.62
CA SER A 135 1.87 -12.87 9.31
C SER A 135 0.38 -12.61 9.43
N LEU A 136 -0.18 -12.00 8.40
CA LEU A 136 -1.61 -11.77 8.30
C LEU A 136 -2.17 -12.67 7.21
N SER A 137 -3.07 -13.58 7.60
CA SER A 137 -3.65 -14.52 6.65
C SER A 137 -4.50 -13.78 5.63
N LYS A 138 -4.85 -14.49 4.55
CA LYS A 138 -5.73 -13.92 3.54
C LYS A 138 -7.11 -13.61 4.11
N ALA A 139 -7.56 -14.40 5.10
CA ALA A 139 -8.87 -14.17 5.69
C ALA A 139 -8.89 -12.90 6.53
N VAL A 140 -7.88 -12.71 7.37
CA VAL A 140 -7.78 -11.48 8.15
C VAL A 140 -7.72 -10.27 7.24
N LEU A 141 -6.95 -10.38 6.14
CA LEU A 141 -6.79 -9.25 5.24
C LEU A 141 -8.07 -8.97 4.46
N ASP A 142 -8.74 -10.02 3.99
CA ASP A 142 -9.99 -9.81 3.25
C ASP A 142 -11.07 -9.22 4.14
N ASN A 143 -11.19 -9.70 5.37
CA ASN A 143 -12.14 -9.12 6.31
C ASN A 143 -11.79 -7.66 6.60
N PHE A 144 -10.49 -7.36 6.77
CA PHE A 144 -10.07 -6.00 7.04
C PHE A 144 -10.59 -5.04 5.97
N PHE A 145 -10.49 -5.43 4.70
CA PHE A 145 -10.89 -4.53 3.62
C PHE A 145 -12.41 -4.38 3.56
N LEU A 146 -13.16 -5.42 3.90
CA LEU A 146 -14.62 -5.33 3.87
C LEU A 146 -15.16 -4.35 4.92
N LEU A 147 -14.41 -4.11 5.99
CA LEU A 147 -14.89 -3.22 7.05
C LEU A 147 -15.10 -1.80 6.54
N SER A 148 -14.38 -1.40 5.48
CA SER A 148 -14.57 -0.09 4.87
C SER A 148 -15.70 -0.07 3.86
N SER A 149 -16.36 -1.21 3.62
CA SER A 149 -17.42 -1.27 2.64
C SER A 149 -18.51 -0.26 2.96
N LEU A 150 -18.97 0.45 1.93
CA LEU A 150 -19.98 1.48 2.09
C LEU A 150 -20.85 1.52 0.84
N SER A 151 -22.16 1.45 1.04
CA SER A 151 -23.08 1.42 -0.09
C SER A 151 -23.17 2.80 -0.75
N ASP A 152 -23.75 2.81 -1.94
CA ASP A 152 -23.92 4.04 -2.72
C ASP A 152 -22.59 4.63 -3.14
N ASN A 153 -21.57 3.78 -3.27
CA ASN A 153 -20.24 4.19 -3.71
C ASN A 153 -19.74 3.24 -4.78
N VAL A 154 -18.90 3.76 -5.68
CA VAL A 154 -18.36 2.95 -6.75
C VAL A 154 -17.28 2.02 -6.19
N ARG A 155 -17.03 0.94 -6.92
CA ARG A 155 -16.00 -0.03 -6.55
C ARG A 155 -14.62 0.59 -6.77
N CYS A 156 -13.89 0.84 -5.69
CA CYS A 156 -12.51 1.31 -5.80
C CYS A 156 -11.67 0.26 -6.52
N ARG A 157 -11.18 0.59 -7.71
CA ARG A 157 -10.46 -0.37 -8.53
C ARG A 157 -9.05 -0.65 -8.01
N CYS A 158 -8.62 0.00 -6.94
CA CYS A 158 -7.32 -0.28 -6.32
C CYS A 158 -7.42 -1.39 -5.28
N CYS A 159 -8.38 -1.28 -4.35
CA CYS A 159 -8.56 -2.27 -3.30
C CYS A 159 -9.74 -3.19 -3.55
N GLY A 160 -10.63 -2.86 -4.50
CA GLY A 160 -11.76 -3.70 -4.78
C GLY A 160 -12.89 -3.59 -3.78
N ILE A 161 -12.97 -2.49 -3.04
CA ILE A 161 -14.02 -2.26 -2.06
C ILE A 161 -14.81 -1.02 -2.46
N LYS A 162 -16.11 -1.07 -2.27
CA LYS A 162 -16.95 0.12 -2.39
C LYS A 162 -16.86 0.87 -1.06
N HIS A 163 -16.05 1.92 -1.03
CA HIS A 163 -15.76 2.64 0.20
C HIS A 163 -15.92 4.14 -0.03
N LEU A 164 -15.91 4.89 1.06
CA LEU A 164 -16.00 6.33 0.99
C LEU A 164 -14.95 6.87 0.01
N PRO A 165 -15.28 7.87 -0.81
CA PRO A 165 -14.28 8.40 -1.74
C PRO A 165 -13.11 9.03 -0.99
N ALA A 166 -11.91 8.76 -1.52
CA ALA A 166 -10.65 9.28 -0.98
C ALA A 166 -10.27 8.68 0.37
N HIS A 167 -10.99 7.65 0.82
CA HIS A 167 -10.67 6.94 2.06
C HIS A 167 -10.53 5.47 1.69
N CYS A 168 -9.34 5.09 1.20
CA CYS A 168 -9.07 3.74 0.76
C CYS A 168 -8.42 2.93 1.88
N PRO A 169 -8.84 1.67 2.12
CA PRO A 169 -8.24 0.91 3.22
C PRO A 169 -6.82 0.48 2.96
N LEU A 170 -6.33 0.58 1.72
CA LEU A 170 -4.93 0.28 1.45
C LEU A 170 -3.99 1.22 2.18
N SER A 171 -4.48 2.39 2.59
CA SER A 171 -3.65 3.35 3.31
C SER A 171 -3.56 3.06 4.81
N ILE A 172 -4.43 2.20 5.33
CA ILE A 172 -4.42 1.81 6.73
C ILE A 172 -4.24 0.32 6.93
N VAL A 173 -4.00 -0.44 5.86
CA VAL A 173 -3.83 -1.88 5.99
C VAL A 173 -2.65 -2.16 6.93
N PRO A 174 -2.74 -3.14 7.85
CA PRO A 174 -1.60 -3.40 8.73
C PRO A 174 -0.47 -4.08 7.96
N LEU A 175 0.76 -3.70 8.30
CA LEU A 175 1.94 -4.16 7.60
C LEU A 175 2.82 -4.98 8.53
N GLU A 176 3.43 -6.03 7.97
CA GLU A 176 4.30 -6.93 8.72
C GLU A 176 5.75 -6.47 8.54
N ILE A 177 6.49 -6.39 9.65
CA ILE A 177 7.86 -5.88 9.62
C ILE A 177 8.83 -7.02 9.38
N CYS A 178 9.97 -6.67 8.80
CA CYS A 178 11.11 -7.57 8.70
C CYS A 178 11.98 -7.38 9.95
N PHE A 179 12.23 -8.48 10.67
CA PHE A 179 12.98 -8.39 11.92
C PHE A 179 14.43 -7.96 11.72
N LEU A 180 14.92 -7.97 10.47
CA LEU A 180 16.29 -7.53 10.22
C LEU A 180 16.40 -6.01 10.23
N CYS A 181 15.40 -5.32 9.66
CA CYS A 181 15.43 -3.87 9.54
C CYS A 181 14.34 -3.17 10.33
N GLY A 182 13.35 -3.90 10.85
CA GLY A 182 12.24 -3.27 11.53
C GLY A 182 11.35 -2.44 10.65
N THR A 183 11.31 -2.73 9.35
CA THR A 183 10.46 -2.02 8.41
C THR A 183 9.64 -3.03 7.61
N PRO A 184 8.46 -2.63 7.13
CA PRO A 184 7.65 -3.55 6.32
C PRO A 184 8.08 -3.53 4.86
N HIS A 185 8.44 -4.71 4.34
CA HIS A 185 8.75 -4.87 2.93
C HIS A 185 8.45 -6.31 2.52
N PHE A 186 8.48 -6.56 1.22
CA PHE A 186 8.23 -7.90 0.70
C PHE A 186 9.52 -8.72 0.74
N SER A 187 9.35 -10.03 0.93
CA SER A 187 10.49 -10.93 0.94
C SER A 187 11.13 -11.00 -0.44
N GLY A 188 12.45 -10.96 -0.46
CA GLY A 188 13.17 -11.01 -1.72
C GLY A 188 14.65 -10.79 -1.51
N ARG A 189 15.37 -10.74 -2.63
CA ARG A 189 16.81 -10.62 -2.61
C ARG A 189 17.31 -9.18 -2.53
N ASP A 190 16.49 -8.21 -2.94
CA ASP A 190 16.89 -6.81 -2.98
C ASP A 190 15.81 -5.92 -2.37
N THR A 191 15.15 -6.41 -1.34
CA THR A 191 14.07 -5.68 -0.68
C THR A 191 14.43 -5.18 0.71
N CYS A 192 15.29 -5.89 1.44
CA CYS A 192 15.62 -5.50 2.79
C CYS A 192 16.72 -4.44 2.78
N PRO A 193 16.50 -3.26 3.38
CA PRO A 193 17.59 -2.27 3.45
C PRO A 193 18.81 -2.76 4.20
N MET A 194 18.66 -3.76 5.07
CA MET A 194 19.75 -4.25 5.91
C MET A 194 20.70 -5.19 5.16
N LEU A 195 20.40 -5.53 3.90
CA LEU A 195 21.21 -6.47 3.14
C LEU A 195 21.75 -5.85 1.86
N ARG A 196 22.02 -4.55 1.88
CA ARG A 196 22.57 -3.84 0.73
C ARG A 196 23.98 -3.33 0.98
N ASN A 197 24.57 -3.65 2.14
CA ASN A 197 25.89 -3.17 2.50
C ASN A 197 26.66 -4.32 3.12
N LYS A 198 27.89 -4.55 2.64
CA LYS A 198 28.65 -5.70 3.11
C LYS A 198 28.90 -5.62 4.61
N GLU A 199 29.09 -4.42 5.14
CA GLU A 199 29.30 -4.26 6.58
C GLU A 199 28.11 -4.81 7.37
N ALA A 200 26.89 -4.56 6.87
CA ALA A 200 25.70 -5.04 7.56
C ALA A 200 25.58 -6.56 7.48
N ILE A 201 25.94 -7.14 6.33
CA ILE A 201 25.82 -8.59 6.18
C ILE A 201 26.79 -9.30 7.11
N TYR A 202 28.00 -8.76 7.29
CA TYR A 202 28.93 -9.37 8.23
C TYR A 202 28.40 -9.33 9.65
N ARG A 203 27.82 -8.21 10.06
CA ARG A 203 27.25 -8.11 11.40
C ARG A 203 26.19 -9.17 11.62
N LEU A 204 25.40 -9.47 10.59
CA LEU A 204 24.41 -10.54 10.70
C LEU A 204 25.07 -11.90 10.75
N LYS A 205 26.20 -12.08 10.03
CA LYS A 205 26.92 -13.34 10.09
C LYS A 205 27.46 -13.59 11.50
N ASP A 206 28.03 -12.56 12.12
CA ASP A 206 28.50 -12.70 13.49
C ASP A 206 27.35 -13.03 14.44
N SER A 207 26.25 -12.28 14.33
CA SER A 207 25.07 -12.59 15.14
C SER A 207 24.59 -14.01 14.89
N LEU A 208 24.59 -14.44 13.63
CA LEU A 208 24.07 -15.76 13.30
C LEU A 208 24.88 -16.86 13.96
N SER A 209 26.15 -16.63 14.24
CA SER A 209 26.97 -17.61 14.94
C SER A 209 26.53 -17.82 16.37
N LYS A 210 25.86 -16.82 16.97
CA LYS A 210 25.36 -16.92 18.33
C LYS A 210 23.92 -17.41 18.40
N SER A 211 23.40 -17.96 17.31
CA SER A 211 22.02 -18.45 17.29
C SER A 211 21.91 -19.79 18.00
N ARG A 212 20.79 -19.98 18.70
CA ARG A 212 20.48 -21.24 19.34
C ARG A 212 19.57 -22.12 18.48
N GLU A 213 19.37 -21.75 17.22
CA GLU A 213 18.50 -22.49 16.33
C GLU A 213 19.20 -23.75 15.81
N PRO A 214 18.44 -24.69 15.26
CA PRO A 214 19.06 -25.91 14.73
C PRO A 214 20.18 -25.58 13.74
N PHE A 215 21.17 -26.46 13.69
CA PHE A 215 22.34 -26.20 12.85
C PHE A 215 21.96 -26.13 11.38
N HIS A 216 21.09 -27.04 10.92
CA HIS A 216 20.74 -27.06 9.50
C HIS A 216 20.03 -25.78 9.06
N ILE A 217 19.42 -25.05 9.99
CA ILE A 217 18.83 -23.76 9.66
C ILE A 217 19.90 -22.67 9.66
N LYS A 218 20.74 -22.65 10.70
CA LYS A 218 21.84 -21.70 10.74
C LYS A 218 22.76 -21.86 9.53
N LYS A 219 23.00 -23.11 9.12
CA LYS A 219 23.77 -23.35 7.90
C LYS A 219 23.08 -22.76 6.68
N GLN A 220 21.79 -23.08 6.51
CA GLN A 220 21.06 -22.57 5.36
C GLN A 220 20.99 -21.05 5.36
N ALA A 221 20.90 -20.44 6.55
CA ALA A 221 20.86 -18.99 6.63
C ALA A 221 22.23 -18.38 6.39
N MET A 222 23.28 -19.02 6.90
CA MET A 222 24.64 -18.54 6.65
C MET A 222 24.93 -18.48 5.16
N ALA A 223 24.55 -19.51 4.41
CA ALA A 223 24.73 -19.50 2.97
C ALA A 223 23.95 -18.36 2.33
N ARG A 224 22.70 -18.14 2.78
CA ARG A 224 21.90 -17.06 2.23
C ARG A 224 22.62 -15.72 2.34
N LEU A 225 23.29 -15.48 3.46
CA LEU A 225 24.05 -14.24 3.61
C LEU A 225 25.24 -14.22 2.66
N ASN A 226 26.00 -15.32 2.58
CA ASN A 226 27.15 -15.37 1.70
C ASN A 226 26.76 -15.16 0.24
N SER A 227 25.55 -15.58 -0.14
CA SER A 227 25.12 -15.42 -1.53
C SER A 227 24.95 -13.96 -1.91
N PHE A 228 24.88 -13.05 -0.94
CA PHE A 228 24.86 -11.62 -1.24
C PHE A 228 26.26 -11.06 -1.45
N LEU A 229 27.29 -11.72 -0.94
CA LEU A 229 28.66 -11.27 -1.10
C LEU A 229 29.24 -11.78 -2.42
N PRO B 12 16.49 -5.42 18.17
CA PRO B 12 15.21 -5.18 18.87
C PRO B 12 14.25 -6.37 18.73
N PHE B 13 14.06 -6.84 17.50
CA PHE B 13 13.18 -7.97 17.23
C PHE B 13 13.95 -9.26 16.95
N LEU B 14 15.26 -9.18 16.72
CA LEU B 14 16.08 -10.36 16.48
C LEU B 14 16.56 -10.95 17.78
N THR B 15 16.51 -12.27 17.87
CA THR B 15 17.01 -13.00 19.03
C THR B 15 17.77 -14.22 18.54
N PRO B 16 18.50 -14.92 19.42
CA PRO B 16 19.18 -16.16 19.00
C PRO B 16 18.22 -17.29 18.65
N ASP B 17 16.91 -17.07 18.67
CA ASP B 17 15.94 -18.10 18.36
C ASP B 17 15.18 -17.85 17.06
N ASN B 18 15.37 -16.70 16.41
CA ASN B 18 14.67 -16.40 15.16
C ASN B 18 15.55 -15.75 14.12
N ILE B 19 16.83 -15.53 14.39
CA ILE B 19 17.68 -14.79 13.44
C ILE B 19 17.84 -15.58 12.14
N ALA B 20 18.12 -16.88 12.25
CA ALA B 20 18.25 -17.70 11.05
C ALA B 20 16.94 -17.76 10.28
N SER B 21 15.84 -17.99 10.99
CA SER B 21 14.53 -18.05 10.34
C SER B 21 14.18 -16.71 9.70
N SER B 22 14.54 -15.61 10.35
CA SER B 22 14.24 -14.29 9.80
C SER B 22 15.01 -14.06 8.50
N ILE B 23 16.28 -14.46 8.46
CA ILE B 23 17.09 -14.26 7.26
C ILE B 23 16.45 -14.99 6.09
N LEU B 24 16.08 -16.26 6.29
CA LEU B 24 15.45 -17.03 5.21
C LEU B 24 14.06 -16.51 4.91
N TYR B 25 13.29 -16.16 5.95
CA TYR B 25 11.92 -15.71 5.75
C TYR B 25 11.87 -14.38 5.00
N SER B 26 12.82 -13.50 5.27
CA SER B 26 12.83 -12.17 4.67
C SER B 26 13.47 -12.12 3.30
N THR B 27 14.27 -13.12 2.93
CA THR B 27 14.99 -13.12 1.68
C THR B 27 14.38 -14.03 0.62
N ALA B 28 13.47 -14.91 1.00
CA ALA B 28 12.86 -15.84 0.05
C ALA B 28 12.27 -15.07 -1.12
N SER B 29 12.54 -15.56 -2.33
CA SER B 29 12.00 -14.96 -3.55
C SER B 29 10.66 -15.59 -3.91
N PHE B 30 9.88 -14.85 -4.70
CA PHE B 30 8.57 -15.33 -5.11
C PHE B 30 8.70 -16.43 -6.16
N SER B 31 7.83 -17.42 -6.07
CA SER B 31 7.84 -18.56 -6.97
C SER B 31 6.43 -18.80 -7.49
N ARG B 32 6.24 -18.65 -8.80
CA ARG B 32 4.93 -18.87 -9.39
C ARG B 32 4.47 -20.31 -9.21
N SER B 33 5.41 -21.25 -9.16
CA SER B 33 5.04 -22.64 -8.95
C SER B 33 4.55 -22.90 -7.53
N LYS B 34 5.11 -22.17 -6.55
CA LYS B 34 4.78 -22.34 -5.14
C LYS B 34 4.55 -20.96 -4.54
N PRO B 35 3.43 -20.32 -4.86
CA PRO B 35 3.24 -18.91 -4.48
C PRO B 35 2.84 -18.70 -3.03
N ASP B 36 2.27 -19.70 -2.36
CA ASP B 36 1.82 -19.55 -0.98
C ASP B 36 2.93 -19.78 0.04
N ARG B 37 4.18 -19.87 -0.41
CA ARG B 37 5.29 -20.04 0.52
C ARG B 37 5.32 -18.86 1.49
N PRO B 38 5.36 -19.10 2.81
CA PRO B 38 5.36 -17.98 3.77
C PRO B 38 6.39 -16.92 3.46
N ARG B 39 5.92 -15.69 3.22
CA ARG B 39 6.79 -14.57 2.92
C ARG B 39 6.16 -13.30 3.46
N LEU B 40 7.01 -12.30 3.74
CA LEU B 40 6.57 -11.06 4.36
C LEU B 40 5.41 -10.45 3.59
N ASN B 41 4.33 -10.13 4.31
CA ASN B 41 3.17 -9.45 3.74
C ASN B 41 2.68 -10.18 2.49
N LEU B 42 2.66 -11.51 2.55
CA LEU B 42 2.30 -12.30 1.38
C LEU B 42 0.86 -12.02 0.95
N SER B 43 -0.08 -12.02 1.92
CA SER B 43 -1.47 -11.77 1.58
C SER B 43 -1.64 -10.45 0.84
N LEU B 44 -0.89 -9.42 1.25
CA LEU B 44 -0.96 -8.14 0.56
C LEU B 44 -0.26 -8.19 -0.79
N GLU B 45 0.86 -8.92 -0.87
CA GLU B 45 1.58 -9.03 -2.14
C GLU B 45 0.71 -9.73 -3.19
N LEU B 46 0.02 -10.79 -2.80
CA LEU B 46 -0.85 -11.50 -3.73
C LEU B 46 -2.03 -10.64 -4.15
N LYS B 47 -2.56 -9.84 -3.22
CA LYS B 47 -3.68 -8.97 -3.55
C LYS B 47 -3.28 -7.94 -4.59
N LEU B 48 -2.08 -7.39 -4.48
CA LEU B 48 -1.60 -6.40 -5.44
C LEU B 48 -1.14 -7.05 -6.74
N MET B 49 -0.64 -8.29 -6.66
CA MET B 49 -0.32 -9.03 -7.88
C MET B 49 -1.57 -9.34 -8.68
N GLN B 50 -2.63 -9.80 -8.00
CA GLN B 50 -3.89 -10.06 -8.68
C GLN B 50 -4.39 -8.82 -9.42
N ASN B 51 -4.21 -7.65 -8.81
CA ASN B 51 -4.62 -6.40 -9.45
C ASN B 51 -3.58 -5.87 -10.42
N GLU B 52 -2.45 -6.57 -10.59
CA GLU B 52 -1.41 -6.19 -11.53
C GLU B 52 -0.76 -4.85 -11.17
N LEU B 53 -0.86 -4.44 -9.91
CA LEU B 53 -0.21 -3.21 -9.47
C LEU B 53 1.30 -3.36 -9.31
N ASN B 54 1.82 -4.57 -9.43
CA ASN B 54 3.26 -4.80 -9.35
C ASN B 54 3.95 -4.70 -10.70
N LYS B 55 3.19 -4.62 -11.79
CA LYS B 55 3.76 -4.60 -13.14
C LYS B 55 3.62 -3.26 -13.85
N GLY B 56 2.93 -2.30 -13.24
CA GLY B 56 2.70 -1.00 -13.86
C GLY B 56 3.65 0.07 -13.36
N GLN B 57 3.14 1.29 -13.27
CA GLN B 57 3.93 2.45 -12.85
C GLN B 57 4.27 2.43 -11.37
N LEU B 58 4.04 1.33 -10.65
CA LEU B 58 4.42 1.20 -9.26
C LEU B 58 5.44 0.09 -9.04
N LYS B 59 5.80 -0.66 -10.08
CA LYS B 59 6.76 -1.74 -9.93
C LYS B 59 8.04 -1.28 -9.24
N LYS B 60 8.48 -0.06 -9.54
CA LYS B 60 9.66 0.52 -8.89
C LYS B 60 9.56 0.41 -7.37
N GLN B 61 8.37 0.63 -6.81
CA GLN B 61 8.21 0.72 -5.36
C GLN B 61 8.14 -0.64 -4.67
N PHE B 62 7.95 -1.73 -5.40
CA PHE B 62 7.77 -3.04 -4.78
C PHE B 62 9.07 -3.62 -4.22
N LYS B 63 10.16 -2.86 -4.20
CA LYS B 63 11.40 -3.31 -3.58
C LYS B 63 11.83 -2.40 -2.43
N GLY B 64 10.93 -1.54 -1.94
CA GLY B 64 11.21 -0.69 -0.81
C GLY B 64 10.16 -0.82 0.28
N ASP B 65 10.15 0.12 1.22
CA ASP B 65 9.19 0.10 2.31
C ASP B 65 7.77 0.14 1.75
N LEU B 66 6.90 -0.73 2.28
CA LEU B 66 5.52 -0.79 1.80
C LEU B 66 4.75 0.48 2.09
N ARG B 67 5.19 1.26 3.10
CA ARG B 67 4.58 2.56 3.35
C ARG B 67 4.96 3.59 2.30
N ASN B 68 5.76 3.21 1.31
CA ASN B 68 6.14 4.08 0.20
C ASN B 68 5.61 3.58 -1.14
N LEU B 69 4.76 2.54 -1.14
CA LEU B 69 4.23 2.03 -2.40
C LEU B 69 3.47 3.12 -3.15
N ALA B 70 2.58 3.82 -2.46
CA ALA B 70 1.79 4.88 -3.09
C ALA B 70 0.94 5.55 -2.03
N ASP B 71 0.44 6.74 -2.38
CA ASP B 71 -0.55 7.45 -1.56
C ASP B 71 -1.92 6.93 -1.97
N TRP B 72 -2.34 5.83 -1.35
CA TRP B 72 -3.50 5.10 -1.83
C TRP B 72 -4.78 5.92 -1.70
N ASN B 73 -4.89 6.77 -0.68
CA ASN B 73 -6.07 7.61 -0.55
C ASN B 73 -6.29 8.43 -1.82
N ASN B 74 -5.21 8.88 -2.44
CA ASN B 74 -5.31 9.67 -3.67
C ASN B 74 -5.39 8.82 -4.91
N LEU B 75 -4.63 7.72 -4.97
CA LEU B 75 -4.73 6.81 -6.12
C LEU B 75 -6.16 6.34 -6.32
N SER B 76 -6.88 6.06 -5.22
CA SER B 76 -8.26 5.63 -5.34
C SER B 76 -9.17 6.80 -5.75
N LEU B 77 -8.89 7.99 -5.24
CA LEU B 77 -9.67 9.16 -5.61
C LEU B 77 -9.50 9.49 -7.10
N VAL B 78 -8.30 9.29 -7.63
CA VAL B 78 -8.07 9.51 -9.06
C VAL B 78 -8.71 8.39 -9.88
N SER B 79 -8.49 7.14 -9.45
CA SER B 79 -8.99 6.00 -10.22
C SER B 79 -10.51 6.04 -10.37
N SER B 80 -11.22 6.58 -9.38
CA SER B 80 -12.68 6.66 -9.45
C SER B 80 -13.15 7.80 -10.35
N LYS B 81 -12.33 8.84 -10.53
CA LYS B 81 -12.67 9.92 -11.43
C LYS B 81 -12.42 9.56 -12.90
N PHE B 82 -11.70 8.48 -13.17
CA PHE B 82 -11.36 8.09 -14.54
C PHE B 82 -11.58 6.59 -14.68
N PRO B 83 -12.85 6.17 -14.81
CA PRO B 83 -13.14 4.72 -14.86
C PRO B 83 -12.32 3.96 -15.89
N SER B 84 -12.02 4.57 -17.05
CA SER B 84 -11.28 3.90 -18.09
C SER B 84 -9.78 4.05 -17.96
N LEU B 85 -9.31 4.92 -17.06
CA LEU B 85 -7.88 5.06 -16.81
C LEU B 85 -7.31 3.73 -16.33
N PRO B 86 -6.44 3.07 -17.09
CA PRO B 86 -5.83 1.83 -16.59
C PRO B 86 -5.17 2.05 -15.24
N ILE B 87 -5.53 1.22 -14.27
CA ILE B 87 -4.98 1.38 -12.93
C ILE B 87 -3.47 1.22 -12.95
N THR B 88 -2.94 0.42 -13.89
CA THR B 88 -1.50 0.25 -14.01
C THR B 88 -0.78 1.53 -14.40
N ASN B 89 -1.51 2.60 -14.71
CA ASN B 89 -0.89 3.87 -15.05
C ASN B 89 -0.64 4.75 -13.83
N LEU B 90 -1.40 4.56 -12.75
CA LEU B 90 -1.25 5.41 -11.58
C LEU B 90 0.18 5.31 -11.03
N ARG B 91 0.72 6.45 -10.66
CA ARG B 91 2.05 6.55 -10.08
C ARG B 91 1.96 6.77 -8.58
N PRO B 92 3.08 6.59 -7.86
CA PRO B 92 3.02 6.65 -6.39
C PRO B 92 2.37 7.91 -5.84
N ASP B 93 2.50 9.05 -6.52
CA ASP B 93 1.96 10.31 -6.01
C ASP B 93 0.54 10.59 -6.46
N GLY B 94 0.02 9.84 -7.42
CA GLY B 94 -1.29 10.08 -8.00
C GLY B 94 -1.25 10.42 -9.47
N SER B 95 -0.09 10.71 -10.04
CA SER B 95 0.03 10.95 -11.46
C SER B 95 -0.22 9.65 -12.23
N PHE B 96 -0.42 9.78 -13.54
CA PHE B 96 -0.69 8.62 -14.36
C PHE B 96 -0.40 8.95 -15.83
N LEU B 97 -0.14 7.90 -16.59
CA LEU B 97 0.05 8.03 -18.04
C LEU B 97 -1.30 8.29 -18.69
N LYS B 98 -1.40 9.39 -19.45
CA LYS B 98 -2.67 9.76 -20.07
C LYS B 98 -3.26 8.59 -20.83
N HIS B 99 -4.57 8.41 -20.67
CA HIS B 99 -5.29 7.32 -21.30
C HIS B 99 -6.18 7.87 -22.41
N ARG B 100 -6.63 6.95 -23.27
CA ARG B 100 -7.34 7.35 -24.48
C ARG B 100 -8.49 8.30 -24.17
N ARG B 101 -9.34 7.94 -23.22
CA ARG B 101 -10.55 8.69 -22.91
C ARG B 101 -10.33 9.76 -21.85
N PHE B 102 -9.08 10.22 -21.67
CA PHE B 102 -8.82 11.26 -20.68
C PHE B 102 -9.54 12.56 -21.01
N ASN B 103 -9.37 13.04 -22.25
CA ASN B 103 -9.96 14.32 -22.64
C ASN B 103 -11.48 14.29 -22.47
N GLU B 104 -12.10 13.15 -22.73
CA GLU B 104 -13.56 13.05 -22.65
C GLU B 104 -14.05 12.97 -21.21
N GLU B 105 -13.24 12.43 -20.30
CA GLU B 105 -13.67 12.28 -18.92
C GLU B 105 -13.60 13.59 -18.15
N ILE B 106 -12.53 14.37 -18.33
CA ILE B 106 -12.48 15.70 -17.73
C ILE B 106 -13.72 16.48 -18.10
N ALA B 107 -14.16 16.35 -19.36
CA ALA B 107 -15.39 17.00 -19.80
C ALA B 107 -16.57 16.53 -18.96
N TYR B 108 -16.75 15.21 -18.84
CA TYR B 108 -17.85 14.68 -18.06
C TYR B 108 -17.74 15.08 -16.59
N ASN B 109 -16.52 15.27 -16.08
CA ASN B 109 -16.34 15.61 -14.68
C ASN B 109 -16.76 17.06 -14.41
N ARG B 110 -16.50 17.97 -15.36
CA ARG B 110 -16.88 19.36 -15.17
C ARG B 110 -18.39 19.52 -15.16
N GLN B 111 -19.07 18.91 -16.14
CA GLN B 111 -20.53 18.98 -16.18
C GLN B 111 -21.13 18.54 -14.86
N THR B 112 -20.77 17.33 -14.40
CA THR B 112 -21.28 16.83 -13.13
C THR B 112 -20.90 17.75 -11.98
N LEU B 113 -19.67 18.27 -11.99
CA LEU B 113 -19.24 19.19 -10.93
C LEU B 113 -20.14 20.42 -10.88
N GLU B 114 -20.31 21.10 -12.02
CA GLU B 114 -21.14 22.30 -12.04
C GLU B 114 -22.56 21.98 -11.57
N LYS B 115 -23.14 20.90 -12.08
CA LYS B 115 -24.46 20.49 -11.62
C LYS B 115 -24.48 20.27 -10.11
N ALA B 116 -23.43 19.66 -9.57
CA ALA B 116 -23.34 19.46 -8.13
C ALA B 116 -23.36 20.80 -7.40
N ILE B 117 -22.51 21.74 -7.83
CA ILE B 117 -22.44 23.05 -7.16
C ILE B 117 -23.81 23.71 -7.16
N LYS B 118 -24.56 23.58 -8.25
CA LYS B 118 -25.91 24.14 -8.30
C LYS B 118 -26.76 23.63 -7.16
N GLN B 119 -26.83 22.30 -6.98
CA GLN B 119 -27.67 21.72 -5.96
C GLN B 119 -27.13 22.00 -4.56
N LEU B 120 -25.83 22.22 -4.44
CA LEU B 120 -25.19 22.48 -3.15
C LEU B 120 -25.27 23.96 -2.82
N ASP B 121 -25.57 24.26 -1.56
CA ASP B 121 -25.67 25.63 -1.07
C ASP B 121 -24.33 25.99 -0.44
N LEU B 122 -23.35 26.25 -1.30
CA LEU B 122 -21.98 26.46 -0.86
C LEU B 122 -21.72 27.95 -0.62
N SER B 123 -20.45 28.30 -0.43
CA SER B 123 -20.00 29.67 -0.27
C SER B 123 -18.92 29.96 -1.30
N PRO B 124 -18.77 31.21 -1.73
CA PRO B 124 -17.83 31.50 -2.83
C PRO B 124 -16.45 30.89 -2.63
N ASP B 125 -15.88 31.02 -1.44
CA ASP B 125 -14.57 30.43 -1.18
C ASP B 125 -14.61 28.91 -1.33
N LYS B 126 -15.69 28.28 -0.88
CA LYS B 126 -15.81 26.83 -0.98
C LYS B 126 -16.06 26.38 -2.41
N VAL B 127 -16.76 27.19 -3.21
CA VAL B 127 -17.00 26.85 -4.61
C VAL B 127 -15.69 26.82 -5.38
N ILE B 128 -14.77 27.75 -5.06
CA ILE B 128 -13.49 27.79 -5.75
C ILE B 128 -12.68 26.54 -5.48
N GLN B 129 -12.69 26.07 -4.24
CA GLN B 129 -11.91 24.89 -3.87
C GLN B 129 -12.32 23.67 -4.69
N LEU B 130 -13.63 23.40 -4.76
CA LEU B 130 -14.11 22.25 -5.49
C LEU B 130 -13.63 22.28 -6.94
N ARG B 131 -13.64 23.46 -7.57
CA ARG B 131 -13.11 23.57 -8.92
C ARG B 131 -11.60 23.38 -8.95
N GLU B 132 -10.90 23.84 -7.90
CA GLU B 132 -9.45 23.66 -7.83
C GLU B 132 -9.09 22.19 -7.61
N GLN B 133 -9.92 21.43 -6.90
CA GLN B 133 -9.59 20.06 -6.56
C GLN B 133 -9.45 19.18 -7.79
N ASN B 134 -10.21 19.46 -8.85
CA ASN B 134 -10.26 18.60 -10.03
C ASN B 134 -9.41 19.11 -11.18
N GLY B 135 -8.48 20.01 -10.91
CA GLY B 135 -7.59 20.50 -11.96
C GLY B 135 -6.51 19.49 -12.28
N VAL B 136 -6.24 19.30 -13.56
CA VAL B 136 -5.22 18.38 -14.04
C VAL B 136 -4.27 19.15 -14.94
N ALA B 137 -2.97 19.12 -14.59
CA ALA B 137 -1.91 19.71 -15.40
C ALA B 137 -1.26 18.59 -16.21
N VAL B 138 -1.44 18.63 -17.52
CA VAL B 138 -0.92 17.58 -18.41
C VAL B 138 0.42 18.08 -18.92
N ASN B 139 1.48 17.78 -18.15
CA ASN B 139 2.83 18.19 -18.55
C ASN B 139 3.30 17.43 -19.79
N GLY B 140 2.81 16.21 -20.00
CA GLY B 140 3.17 15.44 -21.19
C GLY B 140 2.55 14.06 -21.22
N ARG B 141 3.38 13.05 -21.50
CA ARG B 141 2.94 11.66 -21.40
C ARG B 141 2.21 11.38 -20.09
N VAL B 142 2.60 12.07 -19.03
CA VAL B 142 2.02 11.88 -17.70
C VAL B 142 1.01 12.99 -17.45
N CYS B 143 -0.04 12.67 -16.71
CA CYS B 143 -1.02 13.65 -16.26
C CYS B 143 -0.91 13.80 -14.75
N TYR B 144 -0.70 15.03 -14.30
CA TYR B 144 -0.49 15.31 -12.88
C TYR B 144 -1.73 16.01 -12.31
N PRO B 145 -2.46 15.39 -11.38
CA PRO B 145 -3.61 16.07 -10.79
C PRO B 145 -3.25 16.84 -9.53
N THR B 146 -4.11 17.82 -9.20
CA THR B 146 -3.92 18.65 -8.03
C THR B 146 -2.49 19.17 -7.92
ZN ZN C . -9.79 1.77 -2.15
ZN ZN D . 14.19 -6.15 6.03
CL CL E . -17.62 -3.96 -1.13
CL CL F . 25.27 -24.63 15.87
#